data_3ZHW
#
_entry.id   3ZHW
#
_cell.length_a   59.280
_cell.length_b   76.672
_cell.length_c   98.228
_cell.angle_alpha   90.00
_cell.angle_beta   90.00
_cell.angle_gamma   90.00
#
_symmetry.space_group_name_H-M   'P 21 21 21'
#
loop_
_entity.id
_entity.type
_entity.pdbx_description
1 polymer 'NON-SYMBIOTIC HEMOGLOBIN 1'
2 non-polymer 'PROTOPORPHYRIN IX CONTAINING FE'
3 non-polymer 'SULFATE ION'
4 water water
#
_entity_poly.entity_id   1
_entity_poly.type   'polypeptide(L)'
_entity_poly.pdbx_seq_one_letter_code
;MESEGKIVFTEEQEALVVKSWSVMKKNSAELGLKLFIKIFEIAPTTKKMFSFLRDSPIPAEQNPKLKPHAMSVFVMCCES
AVQLRKTGKVTVRETTLKRLGASHSKYGVVDEHFEVAKYALLETIKEAVPEMWSPEMKVAWGQAYDHLVAAIKAEMNLSN
;
_entity_poly.pdbx_strand_id   A,B
#
# COMPACT_ATOMS: atom_id res chain seq x y z
N LYS A 6 12.19 -25.10 5.02
CA LYS A 6 11.25 -25.67 6.05
C LYS A 6 11.16 -24.83 7.31
N ILE A 7 9.95 -24.44 7.71
CA ILE A 7 9.78 -23.68 8.96
C ILE A 7 9.00 -24.45 10.04
N VAL A 8 9.08 -23.94 11.28
CA VAL A 8 8.22 -24.35 12.39
C VAL A 8 6.85 -23.69 12.18
N PHE A 9 5.80 -24.48 12.26
CA PHE A 9 4.43 -23.99 12.16
C PHE A 9 3.58 -24.98 12.95
N THR A 10 3.18 -24.58 14.14
CA THR A 10 2.52 -25.50 15.08
C THR A 10 1.05 -25.65 14.73
N GLU A 11 0.41 -26.70 15.24
CA GLU A 11 -1.02 -26.89 14.93
C GLU A 11 -1.91 -25.83 15.56
N GLU A 12 -1.44 -25.24 16.66
CA GLU A 12 -2.05 -24.04 17.23
C GLU A 12 -2.12 -22.95 16.17
N GLN A 13 -1.02 -22.76 15.44
CA GLN A 13 -0.95 -21.76 14.38
C GLN A 13 -1.86 -22.11 13.20
N GLU A 14 -1.83 -23.36 12.76
CA GLU A 14 -2.76 -23.83 11.75
C GLU A 14 -4.19 -23.53 12.19
N ALA A 15 -4.50 -23.86 13.45
CA ALA A 15 -5.85 -23.71 14.01
C ALA A 15 -6.36 -22.27 14.02
N LEU A 16 -5.45 -21.32 14.29
CA LEU A 16 -5.81 -19.89 14.24
C LEU A 16 -6.28 -19.47 12.85
N VAL A 17 -5.57 -19.94 11.83
CA VAL A 17 -5.90 -19.67 10.44
C VAL A 17 -7.18 -20.40 10.03
N VAL A 18 -7.23 -21.70 10.30
CA VAL A 18 -8.35 -22.55 9.90
C VAL A 18 -9.65 -22.13 10.59
N LYS A 19 -9.58 -21.86 11.89
CA LYS A 19 -10.78 -21.51 12.64
C LYS A 19 -11.31 -20.13 12.30
N SER A 20 -10.42 -19.15 12.18
CA SER A 20 -10.84 -17.81 11.76
C SER A 20 -11.42 -17.84 10.35
N TRP A 21 -10.83 -18.62 9.46
CA TRP A 21 -11.37 -18.71 8.11
C TRP A 21 -12.78 -19.32 8.10
N SER A 22 -13.00 -20.35 8.93
CA SER A 22 -14.30 -20.99 8.96
C SER A 22 -15.40 -20.01 9.42
N VAL A 23 -15.04 -19.12 10.35
CA VAL A 23 -15.91 -18.00 10.75
C VAL A 23 -16.10 -17.00 9.61
N MET A 24 -15.00 -16.50 9.04
CA MET A 24 -15.09 -15.51 7.97
C MET A 24 -15.78 -16.00 6.70
N LYS A 25 -15.64 -17.30 6.43
CA LYS A 25 -16.22 -17.96 5.25
C LYS A 25 -17.70 -17.68 5.09
N LYS A 26 -18.40 -17.53 6.22
CA LYS A 26 -19.85 -17.33 6.23
C LYS A 26 -20.26 -16.04 5.53
N ASN A 27 -19.41 -15.02 5.63
CA ASN A 27 -19.67 -13.74 4.95
C ASN A 27 -18.56 -13.41 3.97
N SER A 28 -18.21 -14.40 3.15
CA SER A 28 -17.05 -14.29 2.27
C SER A 28 -17.27 -13.36 1.06
N ALA A 29 -18.52 -13.19 0.64
CA ALA A 29 -18.87 -12.23 -0.42
C ALA A 29 -18.50 -10.80 0.01
N GLU A 30 -19.06 -10.39 1.14
CA GLU A 30 -18.73 -9.10 1.74
C GLU A 30 -17.22 -8.96 1.97
N LEU A 31 -16.61 -10.02 2.49
CA LEU A 31 -15.21 -10.03 2.91
C LEU A 31 -14.25 -9.83 1.75
N GLY A 32 -14.53 -10.50 0.63
CA GLY A 32 -13.74 -10.34 -0.57
C GLY A 32 -13.83 -8.93 -1.14
N LEU A 33 -15.03 -8.37 -1.10
CA LEU A 33 -15.23 -7.00 -1.54
C LEU A 33 -14.40 -6.07 -0.67
N LYS A 34 -14.55 -6.19 0.65
CA LYS A 34 -13.78 -5.37 1.60
C LYS A 34 -12.28 -5.42 1.32
N LEU A 35 -11.76 -6.62 1.04
CA LEU A 35 -10.33 -6.81 0.74
C LEU A 35 -9.84 -5.97 -0.44
N PHE A 36 -10.58 -6.05 -1.55
CA PHE A 36 -10.23 -5.28 -2.75
C PHE A 36 -10.47 -3.79 -2.64
N ILE A 37 -11.53 -3.39 -1.94
CA ILE A 37 -11.79 -1.98 -1.68
C ILE A 37 -10.61 -1.36 -0.92
N LYS A 38 -10.04 -2.11 0.02
CA LYS A 38 -8.83 -1.70 0.76
C LYS A 38 -7.64 -1.56 -0.20
N ILE A 39 -7.31 -2.63 -0.93
CA ILE A 39 -6.22 -2.64 -1.93
C ILE A 39 -6.37 -1.50 -2.94
N PHE A 40 -7.58 -1.32 -3.45
CA PHE A 40 -7.87 -0.28 -4.43
C PHE A 40 -7.70 1.11 -3.83
N GLU A 41 -7.99 1.25 -2.54
CA GLU A 41 -7.76 2.51 -1.84
C GLU A 41 -6.27 2.79 -1.63
N ILE A 42 -5.54 1.81 -1.11
CA ILE A 42 -4.11 1.95 -0.80
C ILE A 42 -3.31 2.22 -2.08
N ALA A 43 -3.65 1.50 -3.15
CA ALA A 43 -2.93 1.58 -4.42
C ALA A 43 -3.91 1.49 -5.59
N PRO A 44 -4.53 2.62 -5.96
CA PRO A 44 -5.51 2.64 -7.06
C PRO A 44 -4.98 2.15 -8.40
N THR A 45 -3.67 2.17 -8.62
CA THR A 45 -3.11 1.65 -9.87
C THR A 45 -3.52 0.18 -10.11
N THR A 46 -3.65 -0.59 -9.04
CA THR A 46 -4.13 -1.98 -9.13
C THR A 46 -5.50 -2.08 -9.80
N LYS A 47 -6.29 -1.00 -9.75
CA LYS A 47 -7.61 -1.00 -10.38
C LYS A 47 -7.50 -1.36 -11.86
N LYS A 48 -6.43 -0.93 -12.51
CA LYS A 48 -6.36 -1.11 -13.95
C LYS A 48 -5.95 -2.53 -14.37
N MET A 49 -5.59 -3.35 -13.38
CA MET A 49 -5.43 -4.79 -13.58
C MET A 49 -6.80 -5.46 -13.77
N PHE A 50 -7.84 -4.78 -13.32
CA PHE A 50 -9.21 -5.28 -13.35
C PHE A 50 -10.15 -4.38 -14.13
N SER A 51 -9.59 -3.48 -14.95
CA SER A 51 -10.38 -2.46 -15.65
C SER A 51 -10.87 -2.87 -17.05
N PHE A 52 -10.57 -4.10 -17.46
CA PHE A 52 -11.04 -4.63 -18.74
C PHE A 52 -11.68 -6.00 -18.54
N LEU A 53 -12.92 -6.13 -18.98
CA LEU A 53 -13.59 -7.43 -19.03
C LEU A 53 -14.12 -7.74 -20.43
N ARG A 54 -13.76 -8.92 -20.94
CA ARG A 54 -14.14 -9.40 -22.27
C ARG A 54 -13.79 -8.40 -23.37
N ASP A 55 -12.52 -7.99 -23.34
CA ASP A 55 -11.90 -7.05 -24.30
C ASP A 55 -12.58 -5.68 -24.39
N SER A 56 -13.09 -5.22 -23.26
CA SER A 56 -13.79 -3.94 -23.20
C SER A 56 -13.69 -3.34 -21.80
N PRO A 57 -13.53 -2.01 -21.72
CA PRO A 57 -13.49 -1.31 -20.43
C PRO A 57 -14.61 -1.71 -19.47
N ILE A 58 -14.26 -1.83 -18.20
CA ILE A 58 -15.20 -2.08 -17.12
C ILE A 58 -14.65 -1.31 -15.93
N PRO A 59 -15.53 -0.68 -15.13
CA PRO A 59 -15.03 -0.14 -13.86
C PRO A 59 -14.61 -1.32 -12.97
N ALA A 60 -13.39 -1.26 -12.45
CA ALA A 60 -12.75 -2.39 -11.76
C ALA A 60 -13.55 -2.98 -10.59
N GLU A 61 -14.29 -2.13 -9.88
CA GLU A 61 -15.12 -2.56 -8.75
C GLU A 61 -16.34 -3.39 -9.19
N GLN A 62 -16.68 -3.30 -10.48
CA GLN A 62 -17.77 -4.09 -11.06
C GLN A 62 -17.30 -5.44 -11.60
N ASN A 63 -16.00 -5.62 -11.73
CA ASN A 63 -15.40 -6.84 -12.28
C ASN A 63 -15.80 -8.08 -11.47
N PRO A 64 -16.45 -9.06 -12.13
CA PRO A 64 -16.92 -10.29 -11.47
C PRO A 64 -15.80 -11.25 -11.02
N LYS A 65 -14.56 -10.93 -11.37
CA LYS A 65 -13.43 -11.73 -10.94
C LYS A 65 -12.93 -11.35 -9.55
N LEU A 66 -13.36 -10.19 -9.04
CA LEU A 66 -12.87 -9.71 -7.74
C LEU A 66 -13.15 -10.67 -6.60
N LYS A 67 -14.41 -11.05 -6.46
CA LYS A 67 -14.83 -11.94 -5.37
C LYS A 67 -14.19 -13.33 -5.45
N PRO A 68 -14.22 -13.99 -6.63
CA PRO A 68 -13.50 -15.27 -6.66
C PRO A 68 -11.99 -15.10 -6.49
N HIS A 69 -11.43 -13.98 -6.96
CA HIS A 69 -10.01 -13.75 -6.72
C HIS A 69 -9.70 -13.62 -5.22
N ALA A 70 -10.49 -12.80 -4.54
CA ALA A 70 -10.31 -12.57 -3.11
C ALA A 70 -10.55 -13.84 -2.31
N MET A 71 -11.51 -14.65 -2.78
CA MET A 71 -11.77 -15.98 -2.23
C MET A 71 -10.55 -16.89 -2.33
N SER A 72 -9.93 -16.87 -3.51
CA SER A 72 -8.73 -17.64 -3.77
C SER A 72 -7.62 -17.30 -2.78
N VAL A 73 -7.41 -16.01 -2.52
CA VAL A 73 -6.39 -15.55 -1.58
C VAL A 73 -6.59 -16.18 -0.20
N PHE A 74 -7.81 -16.10 0.32
CA PHE A 74 -8.16 -16.70 1.61
C PHE A 74 -7.97 -18.22 1.60
N VAL A 75 -8.53 -18.90 0.60
CA VAL A 75 -8.57 -20.36 0.56
C VAL A 75 -7.14 -20.90 0.45
N MET A 76 -6.34 -20.30 -0.42
CA MET A 76 -5.00 -20.78 -0.63
C MET A 76 -4.07 -20.47 0.54
N CYS A 77 -4.33 -19.40 1.28
CA CYS A 77 -3.58 -19.13 2.52
C CYS A 77 -3.94 -20.15 3.57
N CYS A 78 -5.23 -20.48 3.64
CA CYS A 78 -5.69 -21.50 4.56
C CYS A 78 -5.06 -22.88 4.25
N GLU A 79 -5.07 -23.27 2.98
CA GLU A 79 -4.41 -24.49 2.54
C GLU A 79 -2.91 -24.46 2.83
N SER A 80 -2.31 -23.28 2.68
CA SER A 80 -0.87 -23.13 2.93
C SER A 80 -0.53 -23.29 4.41
N ALA A 81 -1.40 -22.79 5.27
CA ALA A 81 -1.26 -22.94 6.73
C ALA A 81 -1.23 -24.42 7.12
N VAL A 82 -2.14 -25.20 6.54
CA VAL A 82 -2.20 -26.65 6.76
C VAL A 82 -0.92 -27.37 6.30
N GLN A 83 -0.44 -26.97 5.11
CA GLN A 83 0.77 -27.57 4.53
C GLN A 83 2.02 -27.24 5.34
N LEU A 84 2.15 -25.97 5.73
CA LEU A 84 3.28 -25.53 6.54
C LEU A 84 3.40 -26.32 7.84
N ARG A 85 2.25 -26.51 8.51
CA ARG A 85 2.21 -27.23 9.78
C ARG A 85 2.64 -28.69 9.58
N LYS A 86 2.16 -29.28 8.50
CA LYS A 86 2.33 -30.68 8.20
C LYS A 86 3.74 -30.98 7.68
N THR A 87 4.24 -30.14 6.79
CA THR A 87 5.51 -30.43 6.09
C THR A 87 6.58 -29.37 6.33
N GLY A 88 6.18 -28.26 6.93
CA GLY A 88 7.07 -27.13 7.09
C GLY A 88 7.26 -26.30 5.82
N LYS A 89 6.50 -26.61 4.77
CA LYS A 89 6.56 -25.82 3.54
C LYS A 89 5.26 -25.77 2.75
N VAL A 90 5.16 -24.79 1.85
CA VAL A 90 4.09 -24.72 0.88
C VAL A 90 4.47 -25.58 -0.33
N THR A 91 3.56 -26.44 -0.79
CA THR A 91 3.75 -27.12 -2.08
C THR A 91 2.49 -27.01 -2.95
N VAL A 92 2.61 -26.27 -4.04
CA VAL A 92 1.53 -26.14 -4.98
C VAL A 92 1.93 -26.96 -6.19
N ARG A 93 1.06 -27.88 -6.62
CA ARG A 93 1.34 -28.67 -7.81
C ARG A 93 1.93 -27.80 -8.92
N GLU A 94 3.01 -28.30 -9.52
CA GLU A 94 3.91 -27.51 -10.38
C GLU A 94 3.21 -26.72 -11.49
N THR A 95 2.34 -27.40 -12.23
CA THR A 95 1.64 -26.80 -13.35
C THR A 95 0.76 -25.63 -12.92
N THR A 96 0.11 -25.78 -11.76
CA THR A 96 -0.81 -24.73 -11.31
C THR A 96 -0.01 -23.51 -10.81
N LEU A 97 1.12 -23.79 -10.17
CA LEU A 97 2.05 -22.77 -9.70
C LEU A 97 2.68 -21.97 -10.84
N LYS A 98 3.15 -22.68 -11.87
CA LYS A 98 3.66 -22.05 -13.09
C LYS A 98 2.60 -21.15 -13.74
N ARG A 99 1.36 -21.65 -13.76
CA ARG A 99 0.25 -20.89 -14.30
C ARG A 99 0.00 -19.63 -13.45
N LEU A 100 -0.02 -19.79 -12.13
CA LEU A 100 -0.16 -18.67 -11.21
C LEU A 100 0.95 -17.63 -11.40
N GLY A 101 2.18 -18.11 -11.54
CA GLY A 101 3.31 -17.23 -11.85
C GLY A 101 3.07 -16.47 -13.14
N ALA A 102 2.82 -17.21 -14.23
CA ALA A 102 2.59 -16.64 -15.54
C ALA A 102 1.44 -15.63 -15.56
N SER A 103 0.33 -15.96 -14.90
CA SER A 103 -0.86 -15.09 -14.86
C SER A 103 -0.59 -13.75 -14.19
N HIS A 104 0.10 -13.78 -13.06
CA HIS A 104 0.39 -12.56 -12.30
C HIS A 104 1.41 -11.70 -12.98
N SER A 105 2.45 -12.33 -13.53
CA SER A 105 3.47 -11.56 -14.20
C SER A 105 2.92 -10.99 -15.52
N LYS A 106 2.04 -11.75 -16.19
CA LYS A 106 1.30 -11.25 -17.36
C LYS A 106 0.63 -9.92 -17.06
N TYR A 107 0.03 -9.82 -15.86
CA TYR A 107 -0.67 -8.61 -15.44
C TYR A 107 0.20 -7.58 -14.72
N GLY A 108 1.51 -7.84 -14.65
CA GLY A 108 2.46 -6.86 -14.12
C GLY A 108 2.41 -6.69 -12.62
N VAL A 109 2.03 -7.76 -11.94
CA VAL A 109 2.04 -7.84 -10.48
C VAL A 109 3.48 -7.90 -9.99
N VAL A 110 3.83 -7.03 -9.04
CA VAL A 110 5.17 -6.97 -8.49
C VAL A 110 5.13 -7.06 -6.96
N ASP A 111 6.30 -7.12 -6.34
CA ASP A 111 6.43 -7.19 -4.88
C ASP A 111 5.48 -6.24 -4.15
N GLU A 112 5.46 -4.96 -4.54
CA GLU A 112 4.65 -3.96 -3.84
C GLU A 112 3.16 -4.35 -3.78
N HIS A 113 2.66 -4.93 -4.87
CA HIS A 113 1.26 -5.33 -4.92
C HIS A 113 0.98 -6.43 -3.90
N PHE A 114 1.90 -7.39 -3.79
CA PHE A 114 1.80 -8.45 -2.81
C PHE A 114 1.90 -7.92 -1.37
N GLU A 115 2.78 -6.93 -1.18
CA GLU A 115 2.90 -6.26 0.11
C GLU A 115 1.61 -5.51 0.49
N VAL A 116 1.07 -4.74 -0.44
CA VAL A 116 -0.21 -4.01 -0.20
C VAL A 116 -1.35 -4.99 0.11
N ALA A 117 -1.47 -6.03 -0.70
CA ALA A 117 -2.48 -7.07 -0.47
C ALA A 117 -2.34 -7.73 0.91
N LYS A 118 -1.10 -8.01 1.32
CA LYS A 118 -0.86 -8.59 2.64
C LYS A 118 -1.35 -7.71 3.77
N TYR A 119 -0.97 -6.44 3.72
CA TYR A 119 -1.39 -5.46 4.68
C TYR A 119 -2.92 -5.40 4.72
N ALA A 120 -3.53 -5.38 3.53
CA ALA A 120 -4.98 -5.31 3.39
C ALA A 120 -5.68 -6.57 3.89
N LEU A 121 -5.08 -7.73 3.61
CA LEU A 121 -5.60 -9.00 4.07
C LEU A 121 -5.59 -9.05 5.60
N LEU A 122 -4.45 -8.68 6.18
CA LEU A 122 -4.32 -8.68 7.63
C LEU A 122 -5.31 -7.75 8.31
N GLU A 123 -5.55 -6.58 7.73
CA GLU A 123 -6.48 -5.62 8.31
C GLU A 123 -7.93 -6.09 8.20
N THR A 124 -8.30 -6.66 7.06
CA THR A 124 -9.62 -7.29 6.87
C THR A 124 -9.88 -8.43 7.85
N ILE A 125 -8.86 -9.23 8.15
CA ILE A 125 -9.04 -10.30 9.14
C ILE A 125 -9.23 -9.68 10.51
N LYS A 126 -8.31 -8.78 10.87
CA LYS A 126 -8.35 -8.02 12.12
C LYS A 126 -9.75 -7.45 12.38
N GLU A 127 -10.41 -6.97 11.33
CA GLU A 127 -11.71 -6.34 11.45
C GLU A 127 -12.88 -7.33 11.31
N ALA A 128 -12.64 -8.46 10.65
CA ALA A 128 -13.68 -9.48 10.52
C ALA A 128 -13.88 -10.27 11.80
N VAL A 129 -12.79 -10.54 12.52
CA VAL A 129 -12.84 -11.37 13.73
C VAL A 129 -12.11 -10.70 14.90
N PRO A 130 -12.63 -9.55 15.36
CA PRO A 130 -11.91 -8.79 16.40
C PRO A 130 -11.63 -9.60 17.70
N GLU A 131 -12.56 -10.46 18.10
CA GLU A 131 -12.36 -11.23 19.33
C GLU A 131 -11.49 -12.48 19.15
N MET A 132 -10.92 -12.68 17.96
CA MET A 132 -9.94 -13.74 17.74
C MET A 132 -8.58 -13.13 17.40
N TRP A 133 -8.57 -11.82 17.14
CA TRP A 133 -7.38 -11.15 16.68
C TRP A 133 -6.31 -11.09 17.77
N SER A 134 -5.06 -11.36 17.40
CA SER A 134 -3.95 -11.29 18.33
C SER A 134 -2.65 -11.20 17.54
N PRO A 135 -1.51 -10.93 18.23
CA PRO A 135 -0.25 -10.91 17.50
C PRO A 135 0.05 -12.27 16.85
N GLU A 136 -0.33 -13.35 17.52
CA GLU A 136 -0.05 -14.70 17.00
C GLU A 136 -0.97 -15.08 15.85
N MET A 137 -2.20 -14.59 15.90
CA MET A 137 -3.13 -14.70 14.78
C MET A 137 -2.52 -14.02 13.55
N LYS A 138 -1.97 -12.82 13.78
CA LYS A 138 -1.35 -12.03 12.73
C LYS A 138 -0.12 -12.73 12.16
N VAL A 139 0.69 -13.33 13.03
CA VAL A 139 1.88 -14.07 12.58
C VAL A 139 1.47 -15.26 11.73
N ALA A 140 0.41 -15.95 12.12
CA ALA A 140 0.01 -17.20 11.47
C ALA A 140 -0.53 -17.02 10.07
N TRP A 141 -1.39 -16.01 9.87
CA TRP A 141 -1.86 -15.64 8.54
C TRP A 141 -0.74 -15.03 7.70
N GLY A 142 0.13 -14.26 8.34
CA GLY A 142 1.22 -13.58 7.63
C GLY A 142 2.23 -14.56 7.08
N GLN A 143 2.58 -15.53 7.90
CA GLN A 143 3.50 -16.59 7.53
C GLN A 143 2.95 -17.42 6.35
N ALA A 144 1.68 -17.84 6.44
CA ALA A 144 0.99 -18.56 5.35
C ALA A 144 0.97 -17.75 4.05
N TYR A 145 0.62 -16.47 4.14
CA TYR A 145 0.64 -15.60 2.97
C TYR A 145 2.05 -15.51 2.38
N ASP A 146 3.02 -15.17 3.23
CA ASP A 146 4.42 -15.04 2.82
C ASP A 146 4.93 -16.21 2.00
N HIS A 147 4.70 -17.42 2.50
CA HIS A 147 5.23 -18.62 1.88
C HIS A 147 4.50 -18.98 0.59
N LEU A 148 3.18 -18.73 0.57
CA LEU A 148 2.38 -18.89 -0.66
C LEU A 148 2.94 -17.96 -1.74
N VAL A 149 3.03 -16.67 -1.40
CA VAL A 149 3.58 -15.67 -2.31
C VAL A 149 5.04 -15.92 -2.72
N ALA A 150 5.87 -16.39 -1.79
CA ALA A 150 7.24 -16.80 -2.14
C ALA A 150 7.26 -17.87 -3.24
N ALA A 151 6.34 -18.83 -3.15
CA ALA A 151 6.21 -19.91 -4.15
C ALA A 151 5.74 -19.39 -5.53
N ILE A 152 4.77 -18.49 -5.52
CA ILE A 152 4.27 -17.89 -6.76
C ILE A 152 5.35 -17.00 -7.41
N LYS A 153 6.00 -16.19 -6.59
CA LYS A 153 7.10 -15.34 -7.05
C LYS A 153 8.21 -16.13 -7.75
N ALA A 154 8.56 -17.30 -7.21
CA ALA A 154 9.61 -18.16 -7.77
C ALA A 154 9.29 -18.70 -9.16
N GLU A 155 8.02 -18.58 -9.56
CA GLU A 155 7.59 -18.93 -10.93
C GLU A 155 7.35 -17.69 -11.76
N MET A 156 7.50 -16.52 -11.13
CA MET A 156 7.44 -15.23 -11.82
C MET A 156 8.85 -14.77 -12.21
N ASN A 157 9.81 -15.01 -11.31
CA ASN A 157 11.22 -14.82 -11.60
C ASN A 157 11.65 -15.81 -12.67
N LEU A 158 11.49 -17.10 -12.36
CA LEU A 158 11.88 -18.19 -13.25
C LEU A 158 11.03 -18.19 -14.53
N SER A 159 11.64 -17.70 -15.62
CA SER A 159 11.05 -17.67 -16.97
C SER A 159 9.60 -17.19 -17.01
N VAL B 8 -11.03 23.07 -9.65
CA VAL B 8 -11.59 23.76 -8.46
C VAL B 8 -11.06 23.09 -7.19
N PHE B 9 -10.56 23.94 -6.29
CA PHE B 9 -10.04 23.55 -5.00
C PHE B 9 -10.38 24.78 -4.16
N THR B 10 -11.31 24.59 -3.24
CA THR B 10 -11.98 25.71 -2.55
C THR B 10 -11.15 26.33 -1.42
N GLU B 11 -11.58 27.51 -0.99
CA GLU B 11 -10.96 28.20 0.13
C GLU B 11 -11.12 27.42 1.42
N GLU B 12 -12.24 26.69 1.52
CA GLU B 12 -12.46 25.78 2.65
C GLU B 12 -11.39 24.71 2.66
N GLN B 13 -11.15 24.10 1.49
CA GLN B 13 -10.17 23.03 1.36
C GLN B 13 -8.76 23.53 1.66
N GLU B 14 -8.42 24.70 1.13
CA GLU B 14 -7.17 25.34 1.49
C GLU B 14 -7.09 25.53 3.01
N ALA B 15 -8.12 26.16 3.57
CA ALA B 15 -8.15 26.42 5.01
C ALA B 15 -7.91 25.16 5.84
N LEU B 16 -8.43 24.01 5.37
CA LEU B 16 -8.31 22.76 6.10
C LEU B 16 -6.87 22.24 6.09
N VAL B 17 -6.19 22.37 4.96
CA VAL B 17 -4.78 21.97 4.86
C VAL B 17 -3.93 22.91 5.69
N VAL B 18 -4.18 24.21 5.54
CA VAL B 18 -3.42 25.26 6.21
C VAL B 18 -3.59 25.22 7.73
N LYS B 19 -4.84 25.17 8.20
CA LYS B 19 -5.14 25.08 9.64
C LYS B 19 -4.45 23.87 10.28
N SER B 20 -4.64 22.68 9.69
CA SER B 20 -4.10 21.45 10.26
C SER B 20 -2.57 21.36 10.21
N TRP B 21 -1.98 21.77 9.10
CA TRP B 21 -0.52 21.82 9.01
C TRP B 21 0.08 22.78 10.04
N SER B 22 -0.58 23.91 10.28
CA SER B 22 -0.05 24.86 11.27
C SER B 22 0.00 24.23 12.66
N VAL B 23 -1.02 23.44 12.99
CA VAL B 23 -1.10 22.68 14.24
C VAL B 23 -0.03 21.56 14.31
N MET B 24 0.15 20.85 13.20
CA MET B 24 1.08 19.71 13.11
C MET B 24 2.55 20.14 13.03
N LYS B 25 2.77 21.36 12.55
CA LYS B 25 4.11 21.91 12.27
C LYS B 25 5.14 21.64 13.36
N LYS B 26 4.75 21.89 14.61
CA LYS B 26 5.64 21.75 15.76
C LYS B 26 6.22 20.34 15.92
N ASN B 27 5.46 19.35 15.45
CA ASN B 27 5.86 17.94 15.54
C ASN B 27 6.36 17.37 14.21
N SER B 28 6.58 18.25 13.25
CA SER B 28 6.99 17.88 11.89
C SER B 28 7.87 16.63 11.75
N ALA B 29 8.92 16.53 12.56
CA ALA B 29 9.92 15.45 12.45
C ALA B 29 9.38 14.10 12.96
N GLU B 30 8.77 14.14 14.14
CA GLU B 30 8.05 13.00 14.71
C GLU B 30 7.03 12.46 13.71
N LEU B 31 6.21 13.37 13.18
CA LEU B 31 5.17 13.02 12.22
C LEU B 31 5.74 12.39 10.95
N GLY B 32 6.88 12.89 10.51
CA GLY B 32 7.52 12.41 9.28
C GLY B 32 8.06 10.99 9.37
N LEU B 33 8.64 10.67 10.52
CA LEU B 33 9.06 9.31 10.81
C LEU B 33 7.86 8.34 10.84
N LYS B 34 6.79 8.74 11.53
CA LYS B 34 5.56 7.94 11.60
C LYS B 34 5.02 7.62 10.20
N LEU B 35 4.96 8.64 9.35
CA LEU B 35 4.54 8.48 7.96
C LEU B 35 5.35 7.38 7.26
N PHE B 36 6.67 7.43 7.39
CA PHE B 36 7.50 6.45 6.69
C PHE B 36 7.53 5.07 7.32
N ILE B 37 7.32 5.01 8.63
CA ILE B 37 7.06 3.75 9.30
C ILE B 37 5.78 3.08 8.73
N LYS B 38 4.70 3.85 8.60
CA LYS B 38 3.50 3.36 7.93
C LYS B 38 3.80 2.86 6.51
N ILE B 39 4.52 3.66 5.73
CA ILE B 39 4.87 3.30 4.34
C ILE B 39 5.68 2.00 4.28
N PHE B 40 6.67 1.87 5.17
CA PHE B 40 7.55 0.70 5.19
C PHE B 40 6.84 -0.58 5.63
N GLU B 41 5.72 -0.43 6.32
CA GLU B 41 4.94 -1.57 6.75
C GLU B 41 3.98 -2.04 5.64
N ILE B 42 3.23 -1.11 5.07
CA ILE B 42 2.37 -1.40 3.92
C ILE B 42 3.18 -1.99 2.74
N ALA B 43 4.27 -1.34 2.38
CA ALA B 43 5.07 -1.78 1.24
C ALA B 43 6.56 -1.82 1.60
N PRO B 44 7.00 -2.89 2.28
CA PRO B 44 8.37 -3.03 2.77
C PRO B 44 9.47 -2.93 1.71
N THR B 45 9.15 -3.19 0.45
CA THR B 45 10.12 -3.07 -0.64
C THR B 45 10.69 -1.64 -0.73
N THR B 46 9.90 -0.65 -0.32
CA THR B 46 10.34 0.74 -0.34
C THR B 46 11.49 1.03 0.63
N LYS B 47 11.73 0.14 1.58
CA LYS B 47 12.82 0.30 2.56
C LYS B 47 14.17 0.41 1.88
N LYS B 48 14.33 -0.29 0.76
CA LYS B 48 15.64 -0.38 0.11
C LYS B 48 16.11 0.98 -0.43
N MET B 49 15.18 1.91 -0.60
CA MET B 49 15.49 3.25 -1.10
C MET B 49 16.23 4.06 -0.04
N PHE B 50 16.05 3.68 1.23
CA PHE B 50 16.67 4.35 2.37
C PHE B 50 17.55 3.43 3.22
N SER B 51 18.00 2.32 2.62
CA SER B 51 18.75 1.29 3.34
C SER B 51 20.26 1.45 3.20
N PHE B 52 20.68 2.44 2.42
CA PHE B 52 22.09 2.79 2.30
C PHE B 52 22.32 4.26 2.60
N LEU B 53 23.41 4.55 3.29
CA LEU B 53 23.90 5.92 3.43
C LEU B 53 25.38 5.97 3.03
N ARG B 54 25.63 6.45 1.83
CA ARG B 54 26.97 6.53 1.24
C ARG B 54 27.71 5.18 1.32
N ASP B 55 27.19 4.22 0.55
CA ASP B 55 27.79 2.89 0.35
C ASP B 55 27.52 1.85 1.44
N SER B 56 27.41 2.27 2.71
CA SER B 56 27.25 1.32 3.82
C SER B 56 25.81 1.12 4.30
N PRO B 57 25.43 -0.13 4.65
CA PRO B 57 24.09 -0.47 5.10
C PRO B 57 23.62 0.37 6.29
N ILE B 58 22.36 0.83 6.24
CA ILE B 58 21.72 1.51 7.36
C ILE B 58 20.26 1.01 7.50
N PRO B 59 19.74 0.93 8.73
CA PRO B 59 18.29 0.64 8.80
C PRO B 59 17.52 1.81 8.21
N ALA B 60 16.48 1.52 7.43
CA ALA B 60 15.71 2.54 6.72
C ALA B 60 15.09 3.55 7.69
N GLU B 61 14.56 3.07 8.82
CA GLU B 61 14.03 3.93 9.88
C GLU B 61 15.05 4.91 10.45
N GLN B 62 16.33 4.62 10.26
CA GLN B 62 17.41 5.38 10.89
C GLN B 62 18.14 6.31 9.91
N ASN B 63 17.76 6.26 8.63
CA ASN B 63 18.37 7.14 7.63
C ASN B 63 18.14 8.62 7.99
N PRO B 64 19.22 9.43 8.03
CA PRO B 64 19.11 10.86 8.35
C PRO B 64 18.28 11.65 7.34
N LYS B 65 18.19 11.17 6.11
CA LYS B 65 17.40 11.81 5.05
C LYS B 65 15.91 11.60 5.24
N LEU B 66 15.55 10.63 6.07
CA LEU B 66 14.17 10.20 6.23
C LEU B 66 13.26 11.32 6.71
N LYS B 67 13.64 11.99 7.80
CA LYS B 67 12.83 13.08 8.37
C LYS B 67 12.78 14.35 7.53
N PRO B 68 13.93 14.84 6.99
CA PRO B 68 13.80 16.01 6.11
C PRO B 68 13.01 15.73 4.83
N HIS B 69 13.05 14.50 4.33
CA HIS B 69 12.26 14.14 3.15
C HIS B 69 10.77 14.18 3.46
N ALA B 70 10.39 13.52 4.55
CA ALA B 70 9.00 13.41 4.94
C ALA B 70 8.43 14.80 5.20
N MET B 71 9.26 15.68 5.78
CA MET B 71 8.90 17.07 6.01
C MET B 71 8.59 17.84 4.73
N SER B 72 9.39 17.63 3.69
CA SER B 72 9.14 18.19 2.35
C SER B 72 7.79 17.74 1.79
N VAL B 73 7.41 16.50 2.02
CA VAL B 73 6.11 16.01 1.57
C VAL B 73 5.01 16.86 2.19
N PHE B 74 5.10 17.10 3.50
CA PHE B 74 4.12 17.88 4.21
C PHE B 74 4.11 19.33 3.73
N VAL B 75 5.29 19.93 3.68
CA VAL B 75 5.42 21.35 3.34
C VAL B 75 4.92 21.61 1.91
N MET B 76 5.34 20.77 0.96
CA MET B 76 4.97 20.97 -0.43
C MET B 76 3.50 20.70 -0.71
N CYS B 77 2.91 19.76 0.04
CA CYS B 77 1.47 19.55 -0.01
C CYS B 77 0.71 20.80 0.43
N CYS B 78 1.24 21.47 1.46
CA CYS B 78 0.64 22.71 1.96
C CYS B 78 0.74 23.85 0.94
N GLU B 79 1.95 24.08 0.43
CA GLU B 79 2.17 25.05 -0.66
C GLU B 79 1.27 24.78 -1.86
N SER B 80 1.10 23.50 -2.22
CA SER B 80 0.23 23.10 -3.33
C SER B 80 -1.22 23.51 -3.11
N ALA B 81 -1.71 23.33 -1.88
CA ALA B 81 -3.06 23.72 -1.52
C ALA B 81 -3.29 25.22 -1.75
N VAL B 82 -2.32 26.04 -1.34
CA VAL B 82 -2.37 27.48 -1.57
C VAL B 82 -2.36 27.80 -3.07
N GLN B 83 -1.40 27.22 -3.79
CA GLN B 83 -1.32 27.39 -5.24
C GLN B 83 -2.61 26.98 -5.94
N LEU B 84 -3.20 25.86 -5.52
CA LEU B 84 -4.43 25.35 -6.14
C LEU B 84 -5.61 26.29 -5.96
N ARG B 85 -5.79 26.78 -4.73
CA ARG B 85 -6.88 27.74 -4.48
C ARG B 85 -6.65 29.01 -5.30
N LYS B 86 -5.45 29.59 -5.16
CA LYS B 86 -5.08 30.85 -5.82
C LYS B 86 -5.20 30.79 -7.34
N THR B 87 -4.60 29.76 -7.96
CA THR B 87 -4.42 29.70 -9.41
C THR B 87 -5.21 28.60 -10.11
N GLY B 88 -5.65 27.59 -9.37
CA GLY B 88 -6.35 26.45 -9.96
C GLY B 88 -5.43 25.33 -10.40
N LYS B 89 -4.12 25.51 -10.20
CA LYS B 89 -3.13 24.49 -10.56
C LYS B 89 -1.90 24.55 -9.66
N VAL B 90 -1.10 23.49 -9.70
CA VAL B 90 0.15 23.40 -8.95
C VAL B 90 1.31 23.80 -9.86
N THR B 91 2.16 24.73 -9.41
CA THR B 91 3.36 25.10 -10.15
C THR B 91 4.59 25.00 -9.25
N VAL B 92 5.40 23.97 -9.48
CA VAL B 92 6.61 23.75 -8.71
C VAL B 92 7.72 24.46 -9.45
N ARG B 93 8.51 25.26 -8.74
CA ARG B 93 9.58 25.98 -9.40
C ARG B 93 10.44 25.01 -10.19
N GLU B 94 10.75 25.40 -11.42
CA GLU B 94 11.36 24.51 -12.40
C GLU B 94 12.57 23.75 -11.87
N THR B 95 13.47 24.45 -11.18
CA THR B 95 14.69 23.85 -10.67
C THR B 95 14.42 22.76 -9.63
N THR B 96 13.44 23.00 -8.75
CA THR B 96 13.06 22.02 -7.75
C THR B 96 12.38 20.85 -8.45
N LEU B 97 11.50 21.17 -9.39
CA LEU B 97 10.78 20.15 -10.14
C LEU B 97 11.73 19.20 -10.87
N LYS B 98 12.72 19.76 -11.57
CA LYS B 98 13.70 18.95 -12.31
C LYS B 98 14.43 17.99 -11.38
N ARG B 99 14.83 18.51 -10.21
CA ARG B 99 15.60 17.75 -9.23
C ARG B 99 14.71 16.72 -8.53
N LEU B 100 13.44 17.04 -8.36
CA LEU B 100 12.44 16.09 -7.83
C LEU B 100 12.31 14.89 -8.77
N GLY B 101 12.04 15.19 -10.03
CA GLY B 101 11.91 14.17 -11.06
C GLY B 101 13.12 13.28 -11.20
N ALA B 102 14.31 13.88 -11.06
CA ALA B 102 15.57 13.16 -11.30
C ALA B 102 15.93 12.19 -10.17
N SER B 103 15.63 12.57 -8.94
CA SER B 103 15.94 11.71 -7.80
C SER B 103 14.93 10.56 -7.66
N HIS B 104 13.64 10.84 -7.83
CA HIS B 104 12.62 9.80 -7.78
C HIS B 104 12.82 8.73 -8.85
N SER B 105 13.25 9.14 -10.04
CA SER B 105 13.55 8.20 -11.12
C SER B 105 14.78 7.37 -10.77
N LYS B 106 15.82 8.05 -10.26
CA LYS B 106 17.05 7.37 -9.85
C LYS B 106 16.79 6.27 -8.80
N TYR B 107 15.80 6.49 -7.94
CA TYR B 107 15.51 5.54 -6.85
C TYR B 107 14.37 4.58 -7.13
N GLY B 108 13.80 4.66 -8.33
CA GLY B 108 12.79 3.72 -8.79
C GLY B 108 11.40 3.96 -8.24
N VAL B 109 11.13 5.16 -7.76
CA VAL B 109 9.80 5.49 -7.25
C VAL B 109 8.79 5.40 -8.39
N VAL B 110 7.77 4.55 -8.21
CA VAL B 110 6.71 4.36 -9.20
C VAL B 110 5.37 4.80 -8.63
N ASP B 111 4.33 4.77 -9.46
CA ASP B 111 2.98 5.18 -9.07
C ASP B 111 2.50 4.56 -7.76
N GLU B 112 2.73 3.27 -7.58
CA GLU B 112 2.26 2.57 -6.37
C GLU B 112 2.87 3.11 -5.08
N HIS B 113 4.14 3.55 -5.14
CA HIS B 113 4.80 4.17 -3.97
C HIS B 113 4.15 5.47 -3.57
N PHE B 114 3.80 6.26 -4.58
CA PHE B 114 3.11 7.53 -4.37
C PHE B 114 1.74 7.28 -3.75
N GLU B 115 1.10 6.20 -4.18
CA GLU B 115 -0.23 5.85 -3.69
C GLU B 115 -0.18 5.36 -2.25
N VAL B 116 0.79 4.49 -1.95
CA VAL B 116 1.02 4.01 -0.59
C VAL B 116 1.32 5.17 0.37
N ALA B 117 2.14 6.12 -0.10
CA ALA B 117 2.50 7.29 0.68
C ALA B 117 1.30 8.18 0.92
N LYS B 118 0.38 8.26 -0.05
CA LYS B 118 -0.82 9.05 0.11
C LYS B 118 -1.67 8.45 1.23
N TYR B 119 -1.95 7.15 1.11
CA TYR B 119 -2.69 6.43 2.14
C TYR B 119 -2.02 6.64 3.50
N ALA B 120 -0.69 6.46 3.56
CA ALA B 120 0.06 6.65 4.81
C ALA B 120 -0.03 8.09 5.36
N LEU B 121 0.06 9.08 4.46
CA LEU B 121 0.03 10.49 4.84
C LEU B 121 -1.30 10.88 5.48
N LEU B 122 -2.39 10.43 4.88
CA LEU B 122 -3.74 10.75 5.34
C LEU B 122 -4.08 10.10 6.68
N GLU B 123 -3.56 8.89 6.90
CA GLU B 123 -3.72 8.21 8.19
C GLU B 123 -2.89 8.88 9.28
N THR B 124 -1.68 9.29 8.91
CA THR B 124 -0.76 9.98 9.83
C THR B 124 -1.40 11.29 10.31
N ILE B 125 -2.02 12.03 9.38
CA ILE B 125 -2.70 13.28 9.71
C ILE B 125 -3.90 13.02 10.62
N LYS B 126 -4.77 12.09 10.21
CA LYS B 126 -5.89 11.65 11.03
C LYS B 126 -5.47 11.31 12.45
N GLU B 127 -4.31 10.67 12.60
CA GLU B 127 -3.88 10.22 13.91
C GLU B 127 -3.16 11.32 14.70
N ALA B 128 -2.68 12.36 14.00
CA ALA B 128 -1.99 13.50 14.63
C ALA B 128 -2.98 14.55 15.12
N VAL B 129 -3.96 14.85 14.28
CA VAL B 129 -5.00 15.83 14.60
C VAL B 129 -6.42 15.24 14.52
N PRO B 130 -6.71 14.15 15.27
CA PRO B 130 -8.03 13.52 15.17
C PRO B 130 -9.19 14.43 15.56
N GLU B 131 -8.91 15.44 16.40
CA GLU B 131 -9.94 16.41 16.82
C GLU B 131 -10.39 17.33 15.69
N MET B 132 -9.56 17.46 14.66
CA MET B 132 -9.83 18.32 13.49
C MET B 132 -10.28 17.49 12.30
N TRP B 133 -10.03 16.19 12.34
CA TRP B 133 -10.26 15.32 11.19
C TRP B 133 -11.72 15.25 10.77
N SER B 134 -11.93 15.00 9.48
CA SER B 134 -13.26 14.85 8.88
C SER B 134 -13.09 14.31 7.45
N PRO B 135 -14.16 13.80 6.83
CA PRO B 135 -14.07 13.39 5.41
C PRO B 135 -13.60 14.53 4.48
N GLU B 136 -14.07 15.75 4.74
CA GLU B 136 -13.64 16.90 3.95
C GLU B 136 -12.16 17.28 4.15
N MET B 137 -11.61 17.02 5.34
CA MET B 137 -10.17 17.24 5.54
C MET B 137 -9.36 16.19 4.79
N LYS B 138 -9.85 14.96 4.79
CA LYS B 138 -9.22 13.89 4.03
C LYS B 138 -9.18 14.24 2.53
N VAL B 139 -10.31 14.71 1.98
CA VAL B 139 -10.36 15.11 0.56
C VAL B 139 -9.38 16.26 0.29
N ALA B 140 -9.41 17.29 1.15
CA ALA B 140 -8.58 18.47 0.97
C ALA B 140 -7.08 18.13 0.86
N TRP B 141 -6.57 17.35 1.80
CA TRP B 141 -5.17 16.90 1.74
C TRP B 141 -4.91 15.98 0.55
N GLY B 142 -5.88 15.12 0.26
CA GLY B 142 -5.79 14.16 -0.82
C GLY B 142 -5.65 14.81 -2.19
N GLN B 143 -6.51 15.78 -2.46
CA GLN B 143 -6.48 16.49 -3.75
C GLN B 143 -5.22 17.33 -3.90
N ALA B 144 -4.81 18.00 -2.81
CA ALA B 144 -3.55 18.75 -2.80
C ALA B 144 -2.41 17.81 -3.15
N TYR B 145 -2.41 16.65 -2.50
CA TYR B 145 -1.36 15.67 -2.71
C TYR B 145 -1.38 15.15 -4.16
N ASP B 146 -2.56 14.80 -4.65
CA ASP B 146 -2.71 14.23 -5.99
C ASP B 146 -2.14 15.16 -7.06
N HIS B 147 -2.42 16.45 -6.93
CA HIS B 147 -1.98 17.46 -7.90
C HIS B 147 -0.47 17.65 -7.87
N LEU B 148 0.11 17.65 -6.68
CA LEU B 148 1.57 17.70 -6.53
C LEU B 148 2.22 16.47 -7.19
N VAL B 149 1.68 15.30 -6.88
CA VAL B 149 2.21 14.06 -7.41
C VAL B 149 2.08 14.02 -8.94
N ALA B 150 0.93 14.46 -9.45
CA ALA B 150 0.72 14.46 -10.90
C ALA B 150 1.76 15.33 -11.61
N ALA B 151 2.12 16.45 -10.98
CA ALA B 151 3.18 17.33 -11.46
C ALA B 151 4.56 16.67 -11.44
N ILE B 152 4.83 15.88 -10.42
CA ILE B 152 6.12 15.18 -10.29
C ILE B 152 6.15 14.06 -11.31
N LYS B 153 5.02 13.38 -11.48
CA LYS B 153 4.88 12.33 -12.48
C LYS B 153 5.02 12.85 -13.91
N ALA B 154 4.40 14.00 -14.20
CA ALA B 154 4.57 14.66 -15.50
C ALA B 154 6.05 14.87 -15.83
N GLU B 155 6.81 15.42 -14.86
CA GLU B 155 8.26 15.59 -15.01
C GLU B 155 9.04 14.27 -15.23
N MET B 156 8.75 13.28 -14.40
CA MET B 156 9.44 11.99 -14.48
C MET B 156 9.26 11.32 -15.84
N ASN B 157 8.05 11.41 -16.39
CA ASN B 157 7.77 10.76 -17.67
C ASN B 157 8.13 11.58 -18.89
N LEU B 158 8.11 12.90 -18.77
CA LEU B 158 8.30 13.79 -19.92
C LEU B 158 9.73 14.27 -20.11
N SER B 159 10.46 14.36 -19.00
CA SER B 159 11.81 14.95 -18.97
C SER B 159 12.70 14.53 -20.11
N ASN B 160 13.25 15.49 -20.84
CA ASN B 160 14.21 15.20 -21.88
C ASN B 160 15.61 15.17 -21.28
#